data_1KYN
#
_entry.id   1KYN
#
_cell.length_a   59.440
_cell.length_b   59.440
_cell.length_c   130.620
_cell.angle_alpha   90.00
_cell.angle_beta   90.00
_cell.angle_gamma   90.00
#
_symmetry.space_group_name_H-M   'P 41'
#
loop_
_entity.id
_entity.type
_entity.pdbx_description
1 polymer 'cathepsin G'
2 non-polymer '(2-NAPHTHALEN-2-YL-1-NAPHTHALEN-1-YL-2-OXO-ETHYL)-PHOSPHONIC ACID'
#
_entity_poly.entity_id   1
_entity_poly.type   'polypeptide(L)'
_entity_poly.pdbx_seq_one_letter_code
;IIGGRESRPHSRPYMAYLQIQSPAGQSRCGGFLVREDFVLTAAHCWGSNINVTLGAHNIQRRENTQQHITARRAIRHPQY
NQRTIQNDIMLLQLSRRVRRNRNVNPVALPRAQEGLRPGTLCTVAGWGRVSMRRGTDTLREVQLRVQRDRQCLRIFGSYD
PRRQICVGDRRERKAAFKGDSGGPLLCNNVAHGIVSYGKSSGVPPEVFTRVSSFLPWIRTTMRSFKLLDQMETPL
;
_entity_poly.pdbx_strand_id   A,B
#
loop_
_chem_comp.id
_chem_comp.type
_chem_comp.name
_chem_comp.formula
KTP non-polymer '(2-NAPHTHALEN-2-YL-1-NAPHTHALEN-1-YL-2-OXO-ETHYL)-PHOSPHONIC ACID' 'C22 H17 O4 P'
#
# COMPACT_ATOMS: atom_id res chain seq x y z
N ILE A 1 9.79 -20.53 3.99
CA ILE A 1 10.37 -20.91 2.66
C ILE A 1 11.89 -20.95 2.73
N ILE A 2 12.43 -22.17 2.74
CA ILE A 2 13.88 -22.37 2.80
C ILE A 2 14.51 -22.27 1.42
N GLY A 3 15.56 -21.46 1.30
CA GLY A 3 16.25 -21.30 0.03
C GLY A 3 15.51 -20.49 -1.01
N GLY A 4 14.29 -20.06 -0.68
CA GLY A 4 13.51 -19.28 -1.61
C GLY A 4 13.93 -17.82 -1.70
N ARG A 5 13.25 -17.07 -2.57
CA ARG A 5 13.54 -15.65 -2.75
C ARG A 5 12.26 -14.84 -2.57
N GLU A 6 12.41 -13.61 -2.06
CA GLU A 6 11.27 -12.74 -1.82
C GLU A 6 10.42 -12.57 -3.08
N SER A 7 9.11 -12.66 -2.92
CA SER A 7 8.19 -12.50 -4.04
C SER A 7 8.02 -11.03 -4.36
N ARG A 8 7.68 -10.72 -5.61
CA ARG A 8 7.46 -9.35 -6.01
C ARG A 8 6.21 -8.88 -5.28
N PRO A 9 6.33 -7.81 -4.48
CA PRO A 9 5.19 -7.27 -3.72
C PRO A 9 3.84 -7.40 -4.43
N HIS A 10 2.93 -8.14 -3.82
CA HIS A 10 1.59 -8.35 -4.34
C HIS A 10 1.53 -9.10 -5.67
N SER A 11 2.57 -9.89 -5.97
CA SER A 11 2.60 -10.66 -7.20
C SER A 11 1.69 -11.87 -7.04
N ARG A 12 1.35 -12.18 -5.80
CA ARG A 12 0.48 -13.30 -5.48
C ARG A 12 -0.66 -12.81 -4.60
N PRO A 13 -1.70 -12.21 -5.21
CA PRO A 13 -2.87 -11.69 -4.50
C PRO A 13 -3.63 -12.75 -3.69
N TYR A 14 -3.84 -13.91 -4.30
CA TYR A 14 -4.56 -15.01 -3.67
C TYR A 14 -3.90 -15.43 -2.35
N MET A 15 -2.64 -15.07 -2.17
CA MET A 15 -1.91 -15.43 -0.96
C MET A 15 -2.56 -14.81 0.29
N ALA A 16 -3.03 -15.66 1.18
CA ALA A 16 -3.67 -15.22 2.41
C ALA A 16 -2.75 -15.46 3.61
N TYR A 17 -2.87 -14.63 4.64
CA TYR A 17 -2.06 -14.75 5.83
C TYR A 17 -2.92 -15.15 7.03
N LEU A 18 -2.70 -16.36 7.54
CA LEU A 18 -3.46 -16.87 8.67
C LEU A 18 -2.83 -16.46 9.99
N GLN A 19 -3.67 -16.09 10.95
CA GLN A 19 -3.21 -15.69 12.27
C GLN A 19 -3.99 -16.46 13.34
N ILE A 20 -3.64 -17.73 13.50
CA ILE A 20 -4.29 -18.60 14.48
C ILE A 20 -3.98 -18.13 15.91
N GLN A 21 -3.21 -17.06 16.01
CA GLN A 21 -2.83 -16.49 17.30
C GLN A 21 -4.02 -15.95 18.07
N SER A 22 -4.79 -16.85 18.69
CA SER A 22 -5.94 -16.42 19.49
C SER A 22 -6.74 -17.58 20.08
N PRO A 23 -7.31 -18.44 19.23
CA PRO A 23 -8.10 -19.57 19.72
C PRO A 23 -7.35 -20.89 19.78
N ALA A 24 -6.20 -20.94 19.13
CA ALA A 24 -5.39 -22.16 19.12
C ALA A 24 -3.93 -21.82 18.95
N GLY A 25 -3.28 -21.46 20.06
CA GLY A 25 -1.88 -21.12 19.99
C GLY A 25 -1.70 -19.79 19.30
N GLN A 26 -0.49 -19.55 18.79
CA GLN A 26 -0.19 -18.30 18.08
C GLN A 26 0.92 -18.50 17.04
N SER A 27 0.62 -19.28 16.01
CA SER A 27 1.60 -19.54 14.96
C SER A 27 1.02 -19.32 13.57
N ARG A 28 1.54 -18.30 12.89
CA ARG A 28 1.09 -17.94 11.55
C ARG A 28 0.91 -19.15 10.65
N CYS A 29 0.06 -19.00 9.64
CA CYS A 29 -0.21 -20.08 8.68
C CYS A 29 -0.46 -19.51 7.28
N GLY A 30 -0.34 -20.38 6.28
CA GLY A 30 -0.56 -19.96 4.92
C GLY A 30 -1.99 -20.19 4.49
N GLY A 31 -2.28 -19.90 3.22
CA GLY A 31 -3.62 -20.07 2.70
C GLY A 31 -3.81 -19.26 1.43
N PHE A 32 -4.72 -19.69 0.56
CA PHE A 32 -4.97 -18.98 -0.68
C PHE A 32 -6.45 -18.74 -0.95
N LEU A 33 -6.77 -17.62 -1.59
CA LEU A 33 -8.14 -17.27 -1.91
C LEU A 33 -8.65 -18.07 -3.12
N VAL A 34 -9.58 -18.97 -2.85
CA VAL A 34 -10.16 -19.81 -3.90
C VAL A 34 -11.42 -19.16 -4.45
N ARG A 35 -12.10 -18.41 -3.59
CA ARG A 35 -13.32 -17.71 -3.97
C ARG A 35 -13.35 -16.31 -3.36
N GLU A 36 -14.48 -15.62 -3.55
CA GLU A 36 -14.63 -14.26 -3.04
C GLU A 36 -14.75 -14.22 -1.52
N ASP A 37 -15.35 -15.25 -0.94
CA ASP A 37 -15.52 -15.32 0.51
C ASP A 37 -15.02 -16.65 1.05
N PHE A 38 -14.02 -17.23 0.39
CA PHE A 38 -13.47 -18.50 0.82
C PHE A 38 -11.97 -18.60 0.63
N VAL A 39 -11.30 -19.13 1.65
CA VAL A 39 -9.85 -19.29 1.64
C VAL A 39 -9.53 -20.75 1.95
N LEU A 40 -8.59 -21.33 1.21
CA LEU A 40 -8.20 -22.71 1.43
C LEU A 40 -6.86 -22.81 2.15
N THR A 41 -6.85 -23.56 3.25
CA THR A 41 -5.66 -23.76 4.05
C THR A 41 -5.71 -25.14 4.71
N ALA A 42 -4.57 -25.61 5.17
CA ALA A 42 -4.48 -26.91 5.83
C ALA A 42 -5.52 -27.03 6.94
N ALA A 43 -5.98 -28.26 7.18
CA ALA A 43 -6.98 -28.51 8.21
C ALA A 43 -6.39 -28.46 9.61
N HIS A 44 -5.07 -28.30 9.68
CA HIS A 44 -4.39 -28.24 10.97
C HIS A 44 -4.08 -26.82 11.42
N CYS A 45 -4.31 -25.86 10.53
CA CYS A 45 -4.07 -24.45 10.85
C CYS A 45 -5.34 -23.90 11.49
N TRP A 46 -6.15 -24.79 12.03
CA TRP A 46 -7.42 -24.43 12.65
C TRP A 46 -7.29 -23.69 13.98
N GLY A 47 -8.31 -22.89 14.25
CA GLY A 47 -8.38 -22.11 15.48
C GLY A 47 -9.84 -21.76 15.69
N SER A 48 -10.17 -21.28 16.89
CA SER A 48 -11.54 -20.89 17.21
C SER A 48 -11.75 -19.40 16.91
N ASN A 49 -10.77 -18.79 16.23
CA ASN A 49 -10.82 -17.37 15.89
C ASN A 49 -9.62 -17.03 15.00
N ILE A 50 -9.78 -17.19 13.70
CA ILE A 50 -8.70 -16.91 12.76
C ILE A 50 -8.90 -15.57 12.05
N ASN A 51 -7.83 -14.79 11.96
CA ASN A 51 -7.89 -13.50 11.30
C ASN A 51 -7.07 -13.54 10.01
N VAL A 52 -7.77 -13.63 8.88
CA VAL A 52 -7.13 -13.68 7.58
C VAL A 52 -6.84 -12.28 7.06
N THR A 53 -5.78 -12.15 6.27
CA THR A 53 -5.42 -10.85 5.71
C THR A 53 -4.95 -11.01 4.27
N LEU A 54 -5.73 -10.43 3.35
CA LEU A 54 -5.41 -10.52 1.93
C LEU A 54 -4.75 -9.24 1.41
N GLY A 55 -4.10 -9.35 0.25
CA GLY A 55 -3.43 -8.21 -0.33
C GLY A 55 -2.30 -7.71 0.54
N ALA A 56 -1.34 -8.58 0.83
CA ALA A 56 -0.21 -8.21 1.67
C ALA A 56 1.10 -8.81 1.19
N HIS A 57 2.19 -8.26 1.70
CA HIS A 57 3.54 -8.70 1.37
C HIS A 57 4.32 -8.77 2.68
N ASN A 58 4.33 -7.63 3.39
CA ASN A 58 5.01 -7.52 4.67
C ASN A 58 3.94 -7.40 5.75
N ILE A 59 3.62 -8.52 6.40
CA ILE A 59 2.60 -8.54 7.44
C ILE A 59 2.98 -7.69 8.65
N GLN A 60 4.27 -7.46 8.83
CA GLN A 60 4.77 -6.68 9.96
C GLN A 60 4.59 -5.17 9.73
N ARG A 61 3.88 -4.82 8.67
CA ARG A 61 3.65 -3.42 8.34
C ARG A 61 2.22 -3.19 7.85
N ARG A 62 1.60 -2.14 8.34
CA ARG A 62 0.22 -1.81 7.96
C ARG A 62 0.13 -1.26 6.53
N GLU A 63 0.00 -2.15 5.55
CA GLU A 63 -0.11 -1.75 4.16
C GLU A 63 -1.55 -1.36 3.87
N ASN A 64 -1.74 -0.27 3.15
CA ASN A 64 -3.08 0.20 2.81
C ASN A 64 -3.75 -0.80 1.86
N THR A 65 -2.95 -1.62 1.20
CA THR A 65 -3.46 -2.62 0.27
C THR A 65 -3.98 -3.83 1.03
N GLN A 66 -3.48 -4.02 2.25
CA GLN A 66 -3.87 -5.14 3.09
C GLN A 66 -5.36 -5.17 3.38
N GLN A 67 -5.91 -6.38 3.50
CA GLN A 67 -7.32 -6.57 3.80
C GLN A 67 -7.46 -7.51 4.99
N HIS A 68 -7.77 -6.93 6.15
CA HIS A 68 -7.92 -7.71 7.37
C HIS A 68 -9.35 -8.19 7.60
N ILE A 69 -9.66 -9.36 7.05
CA ILE A 69 -10.98 -9.98 7.17
C ILE A 69 -10.89 -11.22 8.05
N THR A 70 -11.71 -11.24 9.11
CA THR A 70 -11.74 -12.37 10.04
C THR A 70 -12.45 -13.58 9.43
N ALA A 71 -12.14 -14.76 9.95
CA ALA A 71 -12.75 -16.00 9.47
C ALA A 71 -14.09 -16.25 10.17
N ARG A 72 -15.17 -16.13 9.41
CA ARG A 72 -16.51 -16.33 9.93
C ARG A 72 -16.79 -17.81 10.23
N ARG A 73 -16.07 -18.69 9.54
CA ARG A 73 -16.26 -20.13 9.74
C ARG A 73 -15.04 -20.91 9.24
N ALA A 74 -14.38 -21.61 10.16
CA ALA A 74 -13.22 -22.41 9.82
C ALA A 74 -13.61 -23.88 9.80
N ILE A 75 -13.95 -24.39 8.62
CA ILE A 75 -14.36 -25.77 8.49
C ILE A 75 -13.19 -26.72 8.27
N ARG A 76 -13.21 -27.85 8.97
CA ARG A 76 -12.17 -28.86 8.85
C ARG A 76 -12.72 -30.04 8.08
N HIS A 77 -11.85 -30.82 7.45
CA HIS A 77 -12.29 -31.99 6.69
C HIS A 77 -12.93 -33.02 7.61
N PRO A 78 -14.12 -33.53 7.24
CA PRO A 78 -14.83 -34.53 8.04
C PRO A 78 -14.00 -35.76 8.42
N GLN A 79 -12.97 -36.05 7.63
CA GLN A 79 -12.12 -37.21 7.89
C GLN A 79 -10.65 -36.84 8.13
N TYR A 80 -10.41 -35.63 8.62
CA TYR A 80 -9.05 -35.18 8.88
C TYR A 80 -8.43 -35.95 10.04
N ASN A 81 -7.55 -36.88 9.73
CA ASN A 81 -6.88 -37.69 10.74
C ASN A 81 -5.73 -36.87 11.34
N GLN A 82 -5.62 -36.87 12.66
CA GLN A 82 -4.57 -36.13 13.34
C GLN A 82 -3.33 -36.99 13.58
N ARG A 83 -3.51 -38.31 13.51
CA ARG A 83 -2.41 -39.24 13.71
C ARG A 83 -1.70 -39.53 12.39
N THR A 84 -2.48 -39.85 11.36
CA THR A 84 -1.94 -40.15 10.03
C THR A 84 -1.82 -38.87 9.20
N ILE A 85 -2.47 -37.82 9.68
CA ILE A 85 -2.45 -36.53 8.99
C ILE A 85 -3.03 -36.64 7.59
N GLN A 86 -4.15 -37.34 7.45
CA GLN A 86 -4.80 -37.50 6.16
C GLN A 86 -5.99 -36.55 6.08
N ASN A 87 -6.31 -36.10 4.87
CA ASN A 87 -7.41 -35.17 4.67
C ASN A 87 -7.09 -33.87 5.38
N ASP A 88 -5.87 -33.38 5.20
CA ASP A 88 -5.42 -32.15 5.83
C ASP A 88 -5.80 -30.96 4.95
N ILE A 89 -7.07 -30.62 4.95
CA ILE A 89 -7.58 -29.50 4.17
C ILE A 89 -8.71 -28.80 4.91
N MET A 90 -8.68 -27.47 4.91
CA MET A 90 -9.70 -26.70 5.60
C MET A 90 -10.04 -25.43 4.84
N LEU A 91 -11.33 -25.08 4.83
CA LEU A 91 -11.79 -23.88 4.15
C LEU A 91 -12.12 -22.82 5.20
N LEU A 92 -11.94 -21.56 4.83
CA LEU A 92 -12.22 -20.47 5.74
C LEU A 92 -13.16 -19.44 5.10
N GLN A 93 -14.42 -19.48 5.49
CA GLN A 93 -15.41 -18.57 4.96
C GLN A 93 -15.30 -17.20 5.66
N LEU A 94 -14.69 -16.24 4.97
CA LEU A 94 -14.51 -14.91 5.52
C LEU A 94 -15.83 -14.32 5.99
N SER A 95 -15.75 -13.40 6.95
CA SER A 95 -16.94 -12.75 7.50
C SER A 95 -17.53 -11.79 6.47
N ARG A 96 -16.82 -11.59 5.37
CA ARG A 96 -17.26 -10.70 4.30
C ARG A 96 -16.59 -11.06 2.98
N ARG A 97 -17.10 -10.47 1.89
CA ARG A 97 -16.55 -10.72 0.56
C ARG A 97 -15.37 -9.79 0.27
N VAL A 98 -14.21 -10.39 0.02
CA VAL A 98 -13.02 -9.60 -0.28
C VAL A 98 -13.26 -8.66 -1.44
N ARG A 99 -12.60 -7.51 -1.43
CA ARG A 99 -12.76 -6.55 -2.51
C ARG A 99 -11.73 -6.85 -3.59
N ARG A 100 -12.12 -7.70 -4.53
CA ARG A 100 -11.26 -8.11 -5.63
C ARG A 100 -10.57 -6.94 -6.31
N ASN A 101 -9.24 -7.00 -6.33
CA ASN A 101 -8.44 -5.95 -6.96
C ASN A 101 -7.09 -6.50 -7.38
N ARG A 102 -6.29 -5.67 -8.04
CA ARG A 102 -4.97 -6.08 -8.50
C ARG A 102 -4.12 -6.69 -7.40
N ASN A 103 -4.49 -6.44 -6.15
CA ASN A 103 -3.74 -6.96 -5.01
C ASN A 103 -4.43 -8.15 -4.36
N VAL A 104 -5.72 -8.32 -4.65
CA VAL A 104 -6.50 -9.41 -4.08
C VAL A 104 -7.44 -10.04 -5.10
N ASN A 105 -7.21 -11.30 -5.42
CA ASN A 105 -8.06 -12.01 -6.37
C ASN A 105 -7.82 -13.51 -6.33
N PRO A 106 -8.91 -14.30 -6.21
CA PRO A 106 -8.86 -15.77 -6.15
C PRO A 106 -7.93 -16.41 -7.16
N VAL A 107 -7.55 -17.66 -6.88
CA VAL A 107 -6.66 -18.42 -7.75
C VAL A 107 -7.39 -19.63 -8.32
N ALA A 108 -7.14 -19.92 -9.60
CA ALA A 108 -7.77 -21.04 -10.26
C ALA A 108 -7.40 -22.38 -9.63
N LEU A 109 -8.40 -23.21 -9.36
CA LEU A 109 -8.17 -24.51 -8.77
C LEU A 109 -8.13 -25.57 -9.86
N PRO A 110 -7.45 -26.69 -9.61
CA PRO A 110 -7.37 -27.77 -10.60
C PRO A 110 -8.67 -28.56 -10.73
N ARG A 111 -8.75 -29.38 -11.78
CA ARG A 111 -9.94 -30.19 -12.01
C ARG A 111 -9.89 -31.47 -11.20
N ALA A 112 -11.04 -32.11 -11.02
CA ALA A 112 -11.13 -33.35 -10.26
C ALA A 112 -10.21 -34.41 -10.85
N GLN A 113 -9.56 -35.17 -9.97
CA GLN A 113 -8.65 -36.23 -10.37
C GLN A 113 -7.48 -35.72 -11.22
N GLU A 114 -7.31 -34.40 -11.28
CA GLU A 114 -6.22 -33.81 -12.06
C GLU A 114 -4.88 -34.17 -11.43
N GLY A 115 -4.17 -35.11 -12.05
CA GLY A 115 -2.89 -35.55 -11.53
C GLY A 115 -1.78 -34.52 -11.66
N LEU A 116 -0.58 -34.91 -11.27
CA LEU A 116 0.59 -34.04 -11.35
C LEU A 116 1.85 -34.90 -11.42
N ARG A 117 2.11 -35.43 -12.61
CA ARG A 117 3.27 -36.29 -12.83
C ARG A 117 4.55 -35.67 -12.30
N PRO A 118 5.48 -36.52 -11.81
CA PRO A 118 6.76 -36.07 -11.27
C PRO A 118 7.58 -35.37 -12.35
N GLY A 119 8.47 -34.48 -11.93
CA GLY A 119 9.29 -33.76 -12.87
C GLY A 119 8.69 -32.40 -13.18
N THR A 120 7.49 -32.18 -12.69
CA THR A 120 6.80 -30.90 -12.91
C THR A 120 7.49 -29.83 -12.07
N LEU A 121 7.39 -28.58 -12.53
CA LEU A 121 8.00 -27.47 -11.82
C LEU A 121 6.93 -26.58 -11.21
N CYS A 122 6.77 -26.67 -9.89
CA CYS A 122 5.77 -25.86 -9.20
C CYS A 122 6.42 -24.76 -8.38
N THR A 123 5.59 -23.86 -7.85
CA THR A 123 6.09 -22.75 -7.06
C THR A 123 5.23 -22.59 -5.80
N VAL A 124 5.88 -22.61 -4.64
CA VAL A 124 5.20 -22.46 -3.37
C VAL A 124 5.59 -21.12 -2.75
N ALA A 125 4.62 -20.45 -2.13
CA ALA A 125 4.87 -19.16 -1.50
C ALA A 125 4.31 -19.12 -0.09
N GLY A 126 4.80 -18.17 0.70
CA GLY A 126 4.35 -18.05 2.07
C GLY A 126 5.32 -17.24 2.90
N TRP A 127 4.89 -16.85 4.10
CA TRP A 127 5.73 -16.06 5.00
C TRP A 127 6.46 -16.97 5.99
N GLY A 128 6.48 -18.26 5.69
CA GLY A 128 7.13 -19.23 6.57
C GLY A 128 8.58 -18.90 6.91
N ARG A 129 9.15 -19.68 7.82
CA ARG A 129 10.52 -19.52 8.27
C ARG A 129 11.54 -19.95 7.22
N VAL A 130 12.48 -19.06 6.91
CA VAL A 130 13.52 -19.35 5.92
C VAL A 130 14.49 -20.36 6.52
N SER A 131 14.54 -20.40 7.84
CA SER A 131 15.42 -21.31 8.57
C SER A 131 14.87 -21.58 9.96
N MET A 132 15.61 -22.36 10.74
CA MET A 132 15.19 -22.69 12.10
C MET A 132 15.77 -21.68 13.08
N ARG A 133 16.46 -20.68 12.55
CA ARG A 133 17.09 -19.65 13.37
C ARG A 133 16.48 -18.28 13.08
N ARG A 134 16.08 -18.06 11.83
CA ARG A 134 15.48 -16.79 11.43
C ARG A 134 14.18 -16.99 10.65
N GLY A 135 13.44 -15.91 10.50
CA GLY A 135 12.19 -15.96 9.78
C GLY A 135 12.11 -14.87 8.72
N THR A 136 10.90 -14.41 8.43
CA THR A 136 10.72 -13.36 7.44
C THR A 136 9.37 -12.67 7.58
N ASP A 137 9.35 -11.35 7.38
CA ASP A 137 8.13 -10.56 7.49
C ASP A 137 7.49 -10.38 6.12
N THR A 138 8.28 -10.55 5.07
CA THR A 138 7.80 -10.41 3.70
C THR A 138 7.62 -11.77 3.03
N LEU A 139 6.51 -11.92 2.32
CA LEU A 139 6.22 -13.17 1.63
C LEU A 139 7.33 -13.59 0.67
N ARG A 140 7.86 -14.79 0.88
CA ARG A 140 8.93 -15.33 0.04
C ARG A 140 8.37 -16.49 -0.77
N GLU A 141 9.15 -17.00 -1.71
CA GLU A 141 8.70 -18.11 -2.55
C GLU A 141 9.85 -18.91 -3.12
N VAL A 142 9.53 -20.07 -3.69
CA VAL A 142 10.52 -20.94 -4.30
C VAL A 142 9.87 -22.01 -5.16
N GLN A 143 10.63 -22.54 -6.11
CA GLN A 143 10.12 -23.58 -7.00
C GLN A 143 10.45 -24.95 -6.44
N LEU A 144 9.53 -25.89 -6.61
CA LEU A 144 9.72 -27.25 -6.12
C LEU A 144 9.36 -28.28 -7.18
N ARG A 145 10.36 -29.05 -7.62
CA ARG A 145 10.14 -30.09 -8.62
C ARG A 145 9.43 -31.29 -8.01
N VAL A 146 8.19 -31.51 -8.42
CA VAL A 146 7.40 -32.62 -7.90
C VAL A 146 8.11 -33.94 -8.19
N GLN A 147 8.34 -34.74 -7.15
CA GLN A 147 9.01 -36.02 -7.29
C GLN A 147 7.99 -37.15 -7.32
N ARG A 148 8.44 -38.34 -7.69
CA ARG A 148 7.57 -39.51 -7.76
C ARG A 148 7.12 -39.92 -6.35
N ASP A 149 5.91 -40.48 -6.28
CA ASP A 149 5.35 -40.92 -5.01
C ASP A 149 6.22 -42.00 -4.38
N ARG A 150 7.20 -42.49 -5.16
CA ARG A 150 8.12 -43.51 -4.70
C ARG A 150 8.93 -43.03 -3.49
N GLN A 151 9.56 -41.87 -3.64
CA GLN A 151 10.38 -41.29 -2.58
C GLN A 151 9.63 -41.22 -1.24
N CYS A 152 8.67 -40.31 -1.17
CA CYS A 152 7.88 -40.12 0.05
C CYS A 152 7.27 -41.41 0.58
N LEU A 153 7.24 -42.44 -0.26
CA LEU A 153 6.69 -43.73 0.16
C LEU A 153 7.70 -44.50 1.00
N ARG A 154 8.96 -44.09 0.92
CA ARG A 154 10.04 -44.72 1.68
C ARG A 154 10.63 -43.75 2.69
N ILE A 155 9.90 -42.67 2.95
CA ILE A 155 10.33 -41.66 3.92
C ILE A 155 9.27 -41.48 5.01
N PHE A 156 8.10 -41.01 4.59
CA PHE A 156 7.00 -40.79 5.53
C PHE A 156 6.21 -42.07 5.77
N GLY A 157 5.52 -42.12 6.90
CA GLY A 157 4.73 -43.29 7.24
C GLY A 157 3.37 -43.32 6.54
N SER A 158 2.48 -42.43 6.95
CA SER A 158 1.14 -42.37 6.37
C SER A 158 1.09 -41.42 5.17
N TYR A 159 1.57 -41.90 4.03
CA TYR A 159 1.55 -41.10 2.81
C TYR A 159 0.63 -41.75 1.79
N ASP A 160 -0.40 -41.01 1.38
CA ASP A 160 -1.35 -41.50 0.40
C ASP A 160 -1.18 -40.78 -0.93
N PRO A 161 -0.69 -41.50 -1.97
CA PRO A 161 -0.49 -40.88 -3.27
C PRO A 161 -1.80 -40.42 -3.91
N ARG A 162 -2.91 -40.81 -3.32
CA ARG A 162 -4.24 -40.45 -3.82
C ARG A 162 -4.69 -39.08 -3.36
N ARG A 163 -4.37 -38.73 -2.12
CA ARG A 163 -4.76 -37.45 -1.55
C ARG A 163 -3.57 -36.56 -1.21
N GLN A 164 -2.38 -37.15 -1.22
CA GLN A 164 -1.16 -36.41 -0.90
C GLN A 164 -0.25 -36.33 -2.11
N ILE A 165 0.73 -35.43 -2.07
CA ILE A 165 1.67 -35.26 -3.17
C ILE A 165 3.10 -35.19 -2.67
N CYS A 166 4.01 -35.85 -3.39
CA CYS A 166 5.42 -35.86 -3.02
C CYS A 166 6.17 -34.78 -3.80
N VAL A 167 6.47 -33.67 -3.13
CA VAL A 167 7.16 -32.55 -3.75
C VAL A 167 8.52 -32.28 -3.08
N GLY A 168 9.36 -31.51 -3.76
CA GLY A 168 10.66 -31.17 -3.21
C GLY A 168 11.76 -32.13 -3.62
N ASP A 169 12.90 -31.58 -4.03
CA ASP A 169 14.05 -32.38 -4.44
C ASP A 169 15.10 -32.38 -3.33
N ARG A 170 15.36 -33.56 -2.77
CA ARG A 170 16.34 -33.72 -1.70
C ARG A 170 17.68 -33.09 -2.04
N ARG A 171 18.08 -33.20 -3.30
CA ARG A 171 19.35 -32.66 -3.77
C ARG A 171 19.43 -31.15 -3.63
N GLU A 172 18.31 -30.53 -3.26
CA GLU A 172 18.26 -29.08 -3.10
C GLU A 172 17.78 -28.69 -1.70
N ARG A 173 18.55 -27.83 -1.05
CA ARG A 173 18.22 -27.36 0.29
C ARG A 173 17.16 -26.26 0.24
N LYS A 174 16.11 -26.50 -0.54
CA LYS A 174 15.03 -25.52 -0.67
C LYS A 174 13.68 -26.22 -0.67
N ALA A 175 12.75 -25.70 0.13
CA ALA A 175 11.41 -26.28 0.24
C ALA A 175 10.59 -25.52 1.29
N ALA A 176 9.30 -25.82 1.35
CA ALA A 176 8.42 -25.19 2.32
C ALA A 176 8.85 -25.63 3.71
N PHE A 177 8.53 -24.84 4.73
CA PHE A 177 8.91 -25.17 6.10
C PHE A 177 7.91 -24.65 7.12
N LYS A 178 8.39 -24.46 8.35
CA LYS A 178 7.57 -23.97 9.44
C LYS A 178 7.01 -22.60 9.10
N GLY A 179 5.68 -22.48 9.10
CA GLY A 179 5.05 -21.22 8.79
C GLY A 179 4.44 -21.19 7.41
N ASP A 180 4.77 -22.20 6.60
CA ASP A 180 4.27 -22.28 5.23
C ASP A 180 3.00 -23.13 5.16
N SER A 181 2.75 -23.90 6.23
CA SER A 181 1.57 -24.77 6.28
C SER A 181 0.31 -24.03 5.85
N GLY A 182 -0.25 -24.46 4.72
CA GLY A 182 -1.46 -23.84 4.20
C GLY A 182 -1.21 -23.22 2.84
N GLY A 183 0.02 -22.79 2.61
CA GLY A 183 0.37 -22.18 1.34
C GLY A 183 0.12 -23.12 0.18
N PRO A 184 -0.40 -22.61 -0.94
CA PRO A 184 -0.68 -23.44 -2.11
C PRO A 184 0.52 -23.68 -3.02
N LEU A 185 0.58 -24.86 -3.60
CA LEU A 185 1.65 -25.22 -4.53
C LEU A 185 1.07 -25.09 -5.93
N LEU A 186 1.31 -23.94 -6.56
CA LEU A 186 0.79 -23.67 -7.88
C LEU A 186 1.65 -24.23 -9.01
N CYS A 187 1.04 -25.06 -9.85
CA CYS A 187 1.71 -25.67 -10.99
C CYS A 187 0.87 -25.35 -12.22
N ASN A 188 1.46 -24.60 -13.16
CA ASN A 188 0.77 -24.20 -14.37
C ASN A 188 -0.27 -23.15 -14.00
N ASN A 189 0.11 -22.25 -13.10
CA ASN A 189 -0.77 -21.18 -12.63
C ASN A 189 -2.04 -21.75 -12.01
N VAL A 190 -1.93 -22.92 -11.41
CA VAL A 190 -3.08 -23.58 -10.79
C VAL A 190 -2.71 -24.18 -9.43
N ALA A 191 -3.33 -23.65 -8.38
CA ALA A 191 -3.09 -24.13 -7.02
C ALA A 191 -3.38 -25.63 -6.96
N HIS A 192 -2.33 -26.43 -7.05
CA HIS A 192 -2.48 -27.88 -7.04
C HIS A 192 -2.35 -28.52 -5.65
N GLY A 193 -1.43 -28.01 -4.84
CA GLY A 193 -1.25 -28.57 -3.51
C GLY A 193 -1.26 -27.59 -2.35
N ILE A 194 -1.27 -28.15 -1.14
CA ILE A 194 -1.27 -27.37 0.09
C ILE A 194 -0.23 -27.92 1.04
N VAL A 195 0.69 -27.06 1.48
CA VAL A 195 1.74 -27.49 2.41
C VAL A 195 1.15 -28.16 3.63
N SER A 196 1.35 -29.47 3.74
CA SER A 196 0.84 -30.22 4.87
C SER A 196 1.91 -30.36 5.94
N TYR A 197 2.79 -31.34 5.77
CA TYR A 197 3.88 -31.58 6.71
C TYR A 197 5.14 -32.03 5.98
N GLY A 198 6.16 -32.38 6.76
CA GLY A 198 7.43 -32.82 6.20
C GLY A 198 8.45 -33.10 7.28
N LYS A 199 9.68 -33.40 6.89
CA LYS A 199 10.74 -33.67 7.86
C LYS A 199 11.00 -32.41 8.67
N SER A 200 10.89 -32.53 9.99
CA SER A 200 11.11 -31.38 10.89
C SER A 200 12.48 -30.77 10.68
N SER A 201 13.27 -31.36 9.79
CA SER A 201 14.61 -30.87 9.49
C SER A 201 14.55 -29.85 8.36
N GLY A 202 13.41 -29.80 7.69
CA GLY A 202 13.24 -28.87 6.58
C GLY A 202 13.79 -29.43 5.28
N VAL A 203 14.40 -30.60 5.37
CA VAL A 203 14.99 -31.26 4.21
C VAL A 203 13.94 -32.02 3.41
N PRO A 204 13.78 -31.67 2.12
CA PRO A 204 12.81 -32.33 1.25
C PRO A 204 13.25 -33.76 0.89
N PRO A 205 12.36 -34.53 0.24
CA PRO A 205 11.00 -34.17 -0.18
C PRO A 205 10.07 -33.85 0.98
N GLU A 206 8.89 -33.31 0.65
CA GLU A 206 7.90 -32.97 1.66
C GLU A 206 6.52 -33.39 1.18
N VAL A 207 5.57 -33.45 2.12
CA VAL A 207 4.21 -33.83 1.79
C VAL A 207 3.32 -32.62 1.52
N PHE A 208 2.54 -32.72 0.45
CA PHE A 208 1.63 -31.65 0.06
C PHE A 208 0.23 -32.26 -0.11
N THR A 209 -0.79 -31.47 0.19
CA THR A 209 -2.18 -31.94 0.07
C THR A 209 -2.67 -31.84 -1.37
N ARG A 210 -3.21 -32.93 -1.88
CA ARG A 210 -3.72 -32.98 -3.25
C ARG A 210 -5.12 -32.41 -3.33
N VAL A 211 -5.22 -31.13 -3.69
CA VAL A 211 -6.51 -30.44 -3.81
C VAL A 211 -7.41 -31.09 -4.84
N SER A 212 -6.84 -31.46 -5.99
CA SER A 212 -7.59 -32.07 -7.08
C SER A 212 -8.44 -33.26 -6.64
N SER A 213 -8.15 -33.80 -5.45
CA SER A 213 -8.90 -34.93 -4.94
C SER A 213 -10.02 -34.51 -4.00
N PHE A 214 -9.88 -33.33 -3.40
CA PHE A 214 -10.88 -32.84 -2.47
C PHE A 214 -11.77 -31.80 -3.12
N LEU A 215 -12.01 -31.96 -4.41
CA LEU A 215 -12.84 -31.04 -5.17
C LEU A 215 -14.31 -31.17 -4.77
N PRO A 216 -14.87 -32.41 -4.83
CA PRO A 216 -16.27 -32.59 -4.45
C PRO A 216 -16.61 -31.90 -3.15
N TRP A 217 -15.82 -32.18 -2.12
CA TRP A 217 -16.02 -31.56 -0.81
C TRP A 217 -15.88 -30.05 -0.94
N ILE A 218 -14.79 -29.62 -1.57
CA ILE A 218 -14.51 -28.20 -1.77
C ILE A 218 -15.76 -27.48 -2.28
N ARG A 219 -16.31 -27.98 -3.38
CA ARG A 219 -17.48 -27.39 -3.99
C ARG A 219 -18.71 -27.50 -3.08
N THR A 220 -18.96 -28.70 -2.58
CA THR A 220 -20.11 -28.93 -1.69
C THR A 220 -20.09 -28.01 -0.49
N THR A 221 -18.91 -27.79 0.08
CA THR A 221 -18.76 -26.95 1.25
C THR A 221 -18.99 -25.47 0.94
N MET A 222 -18.41 -25.01 -0.16
CA MET A 222 -18.55 -23.60 -0.56
C MET A 222 -19.94 -23.30 -1.09
N ARG A 223 -20.44 -24.19 -1.96
CA ARG A 223 -21.75 -24.06 -2.57
C ARG A 223 -22.84 -24.01 -1.50
N ILE B 1 11.93 24.94 0.38
CA ILE B 1 12.38 24.55 -0.99
C ILE B 1 13.88 24.27 -0.99
N ILE B 2 14.25 23.00 -1.08
CA ILE B 2 15.66 22.61 -1.10
C ILE B 2 16.22 22.59 -2.51
N GLY B 3 17.37 23.24 -2.70
CA GLY B 3 18.01 23.27 -4.00
C GLY B 3 17.33 24.15 -5.03
N GLY B 4 16.20 24.75 -4.66
CA GLY B 4 15.48 25.60 -5.59
C GLY B 4 16.08 26.98 -5.75
N ARG B 5 15.47 27.80 -6.60
CA ARG B 5 15.93 29.16 -6.84
C ARG B 5 14.78 30.15 -6.63
N GLU B 6 15.11 31.35 -6.16
CA GLU B 6 14.11 32.38 -5.90
C GLU B 6 13.23 32.63 -7.13
N SER B 7 11.92 32.71 -6.91
CA SER B 7 10.98 32.96 -8.00
C SER B 7 10.99 34.43 -8.36
N ARG B 8 10.63 34.74 -9.60
CA ARG B 8 10.58 36.13 -10.03
C ARG B 8 9.43 36.77 -9.26
N PRO B 9 9.72 37.84 -8.51
CA PRO B 9 8.71 38.55 -7.72
C PRO B 9 7.32 38.58 -8.37
N HIS B 10 6.35 37.98 -7.68
CA HIS B 10 4.96 37.93 -8.15
C HIS B 10 4.76 37.16 -9.45
N SER B 11 5.66 36.23 -9.74
CA SER B 11 5.54 35.43 -10.96
C SER B 11 4.48 34.35 -10.72
N ARG B 12 4.17 34.13 -9.45
CA ARG B 12 3.16 33.14 -9.06
C ARG B 12 2.15 33.80 -8.15
N PRO B 13 1.16 34.50 -8.74
CA PRO B 13 0.12 35.20 -7.98
C PRO B 13 -0.74 34.28 -7.12
N TYR B 14 -1.12 33.14 -7.68
CA TYR B 14 -1.95 32.16 -6.98
C TYR B 14 -1.30 31.69 -5.69
N MET B 15 0.01 31.88 -5.58
CA MET B 15 0.73 31.47 -4.38
C MET B 15 0.25 32.20 -3.13
N ALA B 16 -0.29 31.44 -2.18
CA ALA B 16 -0.81 32.00 -0.94
C ALA B 16 0.13 31.67 0.21
N TYR B 17 0.16 32.54 1.22
CA TYR B 17 1.01 32.33 2.39
C TYR B 17 0.16 32.08 3.63
N LEU B 18 0.25 30.86 4.17
CA LEU B 18 -0.51 30.50 5.35
C LEU B 18 0.22 30.88 6.62
N GLN B 19 -0.52 31.39 7.60
CA GLN B 19 0.06 31.80 8.87
C GLN B 19 -0.49 31.02 10.06
N ILE B 20 -0.12 29.75 10.15
CA ILE B 20 -0.56 28.89 11.24
C ILE B 20 0.21 27.55 11.22
N GLN B 21 1.53 27.64 11.39
CA GLN B 21 2.41 26.49 11.40
C GLN B 21 2.35 25.75 12.73
N SER B 22 1.16 25.72 13.34
CA SER B 22 0.99 25.06 14.64
C SER B 22 -0.49 24.97 15.01
N PRO B 23 -0.81 24.27 16.11
CA PRO B 23 -2.21 24.14 16.56
C PRO B 23 -2.96 25.47 16.51
N ALA B 24 -2.23 26.54 16.80
CA ALA B 24 -2.78 27.88 16.79
C ALA B 24 -1.69 28.91 17.09
N GLY B 25 -0.48 28.43 17.36
CA GLY B 25 0.64 29.30 17.66
C GLY B 25 1.54 29.59 16.47
N GLN B 26 2.27 28.58 16.01
CA GLN B 26 3.15 28.75 14.88
C GLN B 26 2.40 29.29 13.67
N SER B 27 3.12 29.82 12.69
CA SER B 27 2.49 30.36 11.50
C SER B 27 3.38 30.26 10.25
N ARG B 28 3.12 29.25 9.43
CA ARG B 28 3.88 29.04 8.20
C ARG B 28 3.46 27.78 7.44
N CYS B 29 2.90 27.98 6.25
CA CYS B 29 2.46 26.91 5.38
C CYS B 29 2.18 27.46 3.99
N GLY B 30 2.14 26.57 3.00
CA GLY B 30 1.88 26.98 1.63
C GLY B 30 0.40 26.91 1.29
N GLY B 31 0.08 27.22 0.04
CA GLY B 31 -1.31 27.20 -0.40
C GLY B 31 -1.48 28.01 -1.66
N PHE B 32 -2.48 27.68 -2.46
CA PHE B 32 -2.73 28.40 -3.71
C PHE B 32 -4.19 28.79 -3.88
N LEU B 33 -4.40 29.93 -4.55
CA LEU B 33 -5.75 30.44 -4.78
C LEU B 33 -6.42 29.68 -5.93
N VAL B 34 -7.45 28.90 -5.59
CA VAL B 34 -8.18 28.12 -6.58
C VAL B 34 -9.38 28.91 -7.06
N ARG B 35 -9.92 29.75 -6.18
CA ARG B 35 -11.07 30.57 -6.51
C ARG B 35 -10.90 31.96 -5.94
N GLU B 36 -11.93 32.80 -6.07
CA GLU B 36 -11.89 34.16 -5.58
C GLU B 36 -11.90 34.24 -4.06
N ASP B 37 -12.59 33.31 -3.42
CA ASP B 37 -12.69 33.28 -1.97
C ASP B 37 -12.30 31.91 -1.42
N PHE B 38 -11.44 31.20 -2.14
CA PHE B 38 -11.02 29.88 -1.71
C PHE B 38 -9.54 29.61 -1.97
N VAL B 39 -8.87 29.02 -0.99
CA VAL B 39 -7.46 28.69 -1.11
C VAL B 39 -7.28 27.21 -0.77
N LEU B 40 -6.46 26.51 -1.55
CA LEU B 40 -6.23 25.10 -1.32
C LEU B 40 -4.87 24.85 -0.67
N THR B 41 -4.88 24.13 0.44
CA THR B 41 -3.66 23.80 1.17
C THR B 41 -3.84 22.46 1.86
N ALA B 42 -2.72 21.85 2.27
CA ALA B 42 -2.76 20.56 2.95
C ALA B 42 -3.72 20.59 4.13
N ALA B 43 -4.32 19.44 4.43
CA ALA B 43 -5.28 19.32 5.52
C ALA B 43 -4.59 19.32 6.88
N HIS B 44 -3.25 19.32 6.87
CA HIS B 44 -2.49 19.31 8.12
C HIS B 44 -1.99 20.70 8.51
N CYS B 45 -2.16 21.67 7.61
CA CYS B 45 -1.74 23.04 7.88
C CYS B 45 -2.90 23.76 8.57
N TRP B 46 -3.77 22.97 9.20
CA TRP B 46 -4.95 23.49 9.88
C TRP B 46 -4.64 24.23 11.18
N GLY B 47 -5.55 25.15 11.50
CA GLY B 47 -5.45 25.95 12.70
C GLY B 47 -6.83 26.49 13.00
N SER B 48 -7.02 27.04 14.19
CA SER B 48 -8.32 27.59 14.57
C SER B 48 -8.38 29.07 14.25
N ASN B 49 -7.37 29.55 13.52
CA ASN B 49 -7.28 30.94 13.13
C ASN B 49 -6.12 31.13 12.18
N ILE B 50 -6.38 30.97 10.89
CA ILE B 50 -5.34 31.12 9.87
C ILE B 50 -5.43 32.46 9.15
N ASN B 51 -4.27 33.11 8.98
CA ASN B 51 -4.22 34.39 8.29
C ASN B 51 -3.51 34.22 6.96
N VAL B 52 -4.28 34.19 5.87
CA VAL B 52 -3.72 34.04 4.54
C VAL B 52 -3.30 35.40 3.97
N THR B 53 -2.30 35.38 3.11
CA THR B 53 -1.81 36.62 2.50
C THR B 53 -1.47 36.38 1.04
N LEU B 54 -2.22 37.03 0.15
CA LEU B 54 -2.01 36.89 -1.28
C LEU B 54 -1.24 38.07 -1.88
N GLY B 55 -0.69 37.86 -3.06
CA GLY B 55 0.08 38.91 -3.71
C GLY B 55 1.32 39.29 -2.93
N ALA B 56 2.18 38.31 -2.68
CA ALA B 56 3.40 38.56 -1.92
C ALA B 56 4.59 37.81 -2.47
N HIS B 57 5.78 38.22 -2.04
CA HIS B 57 7.04 37.62 -2.44
C HIS B 57 7.88 37.49 -1.18
N ASN B 58 8.07 38.61 -0.50
CA ASN B 58 8.84 38.67 0.74
C ASN B 58 7.87 38.95 1.88
N ILE B 59 7.45 37.89 2.56
CA ILE B 59 6.51 38.02 3.67
C ILE B 59 7.06 38.83 4.84
N GLN B 60 8.39 38.90 4.93
CA GLN B 60 9.03 39.63 6.01
C GLN B 60 9.01 41.15 5.76
N ARG B 61 8.28 41.56 4.73
CA ARG B 61 8.20 42.98 4.38
C ARG B 61 6.78 43.35 3.97
N ARG B 62 6.31 44.49 4.47
CA ARG B 62 4.97 44.96 4.16
C ARG B 62 4.85 45.50 2.75
N GLU B 63 4.56 44.62 1.80
CA GLU B 63 4.41 45.00 0.41
C GLU B 63 2.99 45.55 0.19
N ASN B 64 2.90 46.65 -0.55
CA ASN B 64 1.60 47.26 -0.82
C ASN B 64 0.75 46.34 -1.70
N THR B 65 1.42 45.41 -2.38
CA THR B 65 0.73 44.46 -3.26
C THR B 65 0.13 43.33 -2.44
N GLN B 66 0.68 43.11 -1.25
CA GLN B 66 0.22 42.06 -0.35
C GLN B 66 -1.24 42.21 0.03
N GLN B 67 -1.92 41.07 0.22
CA GLN B 67 -3.33 41.07 0.60
C GLN B 67 -3.50 40.17 1.82
N HIS B 68 -3.66 40.79 2.98
CA HIS B 68 -3.82 40.06 4.23
C HIS B 68 -5.29 39.76 4.54
N ILE B 69 -5.75 38.61 4.04
CA ILE B 69 -7.13 38.17 4.26
C ILE B 69 -7.13 36.93 5.17
N THR B 70 -7.88 37.02 6.26
CA THR B 70 -7.98 35.91 7.22
C THR B 70 -8.87 34.80 6.70
N ALA B 71 -8.67 33.59 7.22
CA ALA B 71 -9.45 32.43 6.82
C ALA B 71 -10.75 32.36 7.61
N ARG B 72 -11.86 32.58 6.92
CA ARG B 72 -13.18 32.56 7.52
C ARG B 72 -13.61 31.13 7.87
N ARG B 73 -13.05 30.15 7.16
CA ARG B 73 -13.38 28.76 7.39
C ARG B 73 -12.29 27.83 6.85
N ALA B 74 -11.68 27.07 7.74
CA ALA B 74 -10.62 26.14 7.34
C ALA B 74 -11.19 24.72 7.40
N ILE B 75 -11.67 24.24 6.25
CA ILE B 75 -12.25 22.91 6.19
C ILE B 75 -11.20 21.82 5.91
N ARG B 76 -11.31 20.72 6.65
CA ARG B 76 -10.40 19.59 6.48
C ARG B 76 -11.15 18.46 5.77
N HIS B 77 -10.41 17.57 5.12
CA HIS B 77 -11.03 16.46 4.42
C HIS B 77 -11.72 15.53 5.40
N PRO B 78 -12.98 15.15 5.10
CA PRO B 78 -13.76 14.25 5.96
C PRO B 78 -13.05 12.95 6.33
N GLN B 79 -12.12 12.52 5.49
CA GLN B 79 -11.39 11.28 5.73
C GLN B 79 -9.88 11.48 5.87
N TYR B 80 -9.47 12.66 6.31
CA TYR B 80 -8.05 12.95 6.48
C TYR B 80 -7.45 12.13 7.62
N ASN B 81 -6.71 11.09 7.27
CA ASN B 81 -6.07 10.24 8.27
C ASN B 81 -4.81 10.91 8.77
N GLN B 82 -4.61 10.92 10.08
CA GLN B 82 -3.44 11.56 10.68
C GLN B 82 -2.30 10.56 10.86
N ARG B 83 -2.63 9.28 10.84
CA ARG B 83 -1.64 8.21 10.99
C ARG B 83 -1.05 7.82 9.64
N THR B 84 -1.92 7.57 8.66
CA THR B 84 -1.50 7.19 7.32
C THR B 84 -1.30 8.42 6.45
N ILE B 85 -1.79 9.56 6.94
CA ILE B 85 -1.67 10.82 6.22
C ILE B 85 -2.34 10.77 4.86
N GLN B 86 -3.54 10.20 4.81
CA GLN B 86 -4.28 10.10 3.56
C GLN B 86 -5.35 11.18 3.53
N ASN B 87 -5.69 11.64 2.34
CA ASN B 87 -6.68 12.69 2.17
C ASN B 87 -6.19 13.96 2.84
N ASP B 88 -4.92 14.28 2.58
CA ASP B 88 -4.29 15.48 3.13
C ASP B 88 -4.59 16.69 2.26
N ILE B 89 -5.82 17.18 2.33
CA ILE B 89 -6.23 18.34 1.54
C ILE B 89 -7.22 19.18 2.34
N MET B 90 -7.04 20.49 2.31
CA MET B 90 -7.92 21.39 3.04
C MET B 90 -8.16 22.68 2.26
N LEU B 91 -9.39 23.17 2.32
CA LEU B 91 -9.75 24.41 1.65
C LEU B 91 -9.89 25.51 2.68
N LEU B 92 -9.58 26.75 2.28
CA LEU B 92 -9.67 27.88 3.18
C LEU B 92 -10.52 29.00 2.57
N GLN B 93 -11.76 29.11 3.04
CA GLN B 93 -12.68 30.13 2.55
C GLN B 93 -12.36 31.47 3.20
N LEU B 94 -11.69 32.34 2.45
CA LEU B 94 -11.32 33.66 2.95
C LEU B 94 -12.53 34.42 3.50
N SER B 95 -12.28 35.33 4.43
CA SER B 95 -13.34 36.13 5.02
C SER B 95 -13.89 37.13 4.02
N ARG B 96 -13.22 37.22 2.87
CA ARG B 96 -13.63 38.13 1.81
C ARG B 96 -13.09 37.69 0.45
N ARG B 97 -13.59 38.30 -0.61
CA ARG B 97 -13.16 37.96 -1.97
C ARG B 97 -11.92 38.75 -2.35
N VAL B 98 -10.84 38.03 -2.66
CA VAL B 98 -9.58 38.65 -3.05
C VAL B 98 -9.80 39.60 -4.22
N ARG B 99 -9.00 40.66 -4.28
CA ARG B 99 -9.11 41.62 -5.37
C ARG B 99 -8.20 41.18 -6.50
N ARG B 100 -8.75 40.36 -7.39
CA ARG B 100 -8.01 39.83 -8.53
C ARG B 100 -7.23 40.90 -9.28
N ASN B 101 -5.92 40.69 -9.39
CA ASN B 101 -5.05 41.62 -10.09
C ASN B 101 -3.80 40.90 -10.57
N ARG B 102 -2.95 41.62 -11.30
CA ARG B 102 -1.72 41.05 -11.83
C ARG B 102 -0.87 40.37 -10.77
N ASN B 103 -1.13 40.68 -9.51
CA ASN B 103 -0.38 40.10 -8.40
C ASN B 103 -1.17 39.02 -7.68
N VAL B 104 -2.48 38.99 -7.89
CA VAL B 104 -3.34 38.00 -7.24
C VAL B 104 -4.42 37.48 -8.19
N ASN B 105 -4.37 36.19 -8.50
CA ASN B 105 -5.35 35.58 -9.37
C ASN B 105 -5.28 34.05 -9.30
N PRO B 106 -6.44 33.40 -9.11
CA PRO B 106 -6.56 31.95 -9.02
C PRO B 106 -5.77 31.17 -10.06
N VAL B 107 -5.52 29.90 -9.78
CA VAL B 107 -4.78 29.03 -10.69
C VAL B 107 -5.68 27.89 -11.17
N ALA B 108 -5.55 27.56 -12.45
CA ALA B 108 -6.34 26.50 -13.06
C ALA B 108 -6.09 25.14 -12.41
N LEU B 109 -7.17 24.44 -12.06
CA LEU B 109 -7.06 23.14 -11.44
C LEU B 109 -7.22 22.06 -12.51
N PRO B 110 -6.66 20.85 -12.27
CA PRO B 110 -6.76 19.77 -13.24
C PRO B 110 -8.15 19.13 -13.27
N ARG B 111 -8.40 18.32 -14.29
CA ARG B 111 -9.69 17.64 -14.45
C ARG B 111 -9.73 16.38 -13.59
N ALA B 112 -10.94 15.88 -13.34
CA ALA B 112 -11.11 14.67 -12.54
C ALA B 112 -10.37 13.51 -13.16
N GLN B 113 -9.75 12.69 -12.30
CA GLN B 113 -9.00 11.52 -12.74
C GLN B 113 -7.83 11.88 -13.67
N GLU B 114 -7.52 13.17 -13.76
CA GLU B 114 -6.42 13.61 -14.63
C GLU B 114 -5.09 13.10 -14.06
N GLY B 115 -4.55 12.08 -14.71
CA GLY B 115 -3.29 11.51 -14.25
C GLY B 115 -2.08 12.39 -14.48
N LEU B 116 -0.91 11.87 -14.15
CA LEU B 116 0.35 12.59 -14.32
C LEU B 116 1.49 11.60 -14.45
N ARG B 117 1.60 11.00 -15.64
CA ARG B 117 2.64 10.01 -15.92
C ARG B 117 4.01 10.48 -15.48
N PRO B 118 4.86 9.54 -15.03
CA PRO B 118 6.22 9.85 -14.58
C PRO B 118 7.06 10.43 -15.72
N GLY B 119 8.06 11.22 -15.37
CA GLY B 119 8.91 11.82 -16.38
C GLY B 119 8.45 13.23 -16.69
N THR B 120 7.31 13.61 -16.13
CA THR B 120 6.79 14.95 -16.34
C THR B 120 7.63 15.95 -15.57
N LEU B 121 7.66 17.19 -16.05
CA LEU B 121 8.43 18.23 -15.40
C LEU B 121 7.50 19.24 -14.75
N CYS B 122 7.43 19.22 -13.43
CA CYS B 122 6.57 20.14 -12.69
C CYS B 122 7.40 21.18 -11.95
N THR B 123 6.72 22.17 -11.39
CA THR B 123 7.39 23.23 -10.65
C THR B 123 6.64 23.51 -9.36
N VAL B 124 7.36 23.43 -8.24
CA VAL B 124 6.78 23.69 -6.92
C VAL B 124 7.35 24.98 -6.36
N ALA B 125 6.51 25.77 -5.72
CA ALA B 125 6.95 27.02 -5.14
C ALA B 125 6.49 27.15 -3.69
N GLY B 126 7.14 28.05 -2.95
CA GLY B 126 6.79 28.26 -1.56
C GLY B 126 7.90 28.96 -0.81
N TRP B 127 7.60 29.42 0.41
CA TRP B 127 8.58 30.12 1.23
C TRP B 127 9.25 29.14 2.20
N GLY B 128 9.11 27.85 1.93
CA GLY B 128 9.70 26.84 2.80
C GLY B 128 11.18 27.00 3.03
N ARG B 129 11.72 26.16 3.92
CA ARG B 129 13.13 26.18 4.28
C ARG B 129 14.02 25.60 3.18
N VAL B 130 15.04 26.37 2.79
CA VAL B 130 15.97 25.94 1.76
C VAL B 130 16.86 24.84 2.32
N SER B 131 16.98 24.82 3.64
CA SER B 131 17.80 23.82 4.33
C SER B 131 17.31 23.64 5.75
N MET B 132 18.00 22.81 6.52
CA MET B 132 17.64 22.55 7.90
C MET B 132 18.39 23.49 8.82
N ARG B 133 19.15 24.41 8.22
CA ARG B 133 19.95 25.37 8.97
C ARG B 133 19.49 26.79 8.69
N ARG B 134 19.03 27.04 7.47
CA ARG B 134 18.57 28.36 7.07
C ARG B 134 17.21 28.30 6.38
N GLY B 135 16.58 29.47 6.24
CA GLY B 135 15.29 29.55 5.60
C GLY B 135 15.28 30.61 4.53
N THR B 136 14.12 31.21 4.30
CA THR B 136 13.99 32.26 3.29
C THR B 136 12.74 33.10 3.50
N ASP B 137 12.88 34.41 3.27
CA ASP B 137 11.76 35.34 3.43
C ASP B 137 11.06 35.57 2.10
N THR B 138 11.76 35.29 1.01
CA THR B 138 11.21 35.47 -0.33
C THR B 138 10.82 34.12 -0.95
N LEU B 139 9.67 34.09 -1.60
CA LEU B 139 9.19 32.87 -2.23
C LEU B 139 10.19 32.31 -3.24
N ARG B 140 10.57 31.06 -3.04
CA ARG B 140 11.52 30.38 -3.93
C ARG B 140 10.77 29.28 -4.68
N GLU B 141 11.43 28.67 -5.65
CA GLU B 141 10.80 27.61 -6.43
C GLU B 141 11.82 26.66 -7.06
N VAL B 142 11.32 25.54 -7.58
CA VAL B 142 12.17 24.54 -8.22
C VAL B 142 11.33 23.55 -9.02
N GLN B 143 11.96 22.91 -10.00
CA GLN B 143 11.29 21.93 -10.83
C GLN B 143 11.49 20.54 -10.25
N LEU B 144 10.45 19.71 -10.35
CA LEU B 144 10.52 18.34 -9.83
C LEU B 144 9.97 17.34 -10.84
N ARG B 145 10.85 16.46 -11.33
CA ARG B 145 10.45 15.44 -12.29
C ARG B 145 9.65 14.34 -11.60
N VAL B 146 8.36 14.26 -11.92
CA VAL B 146 7.48 13.25 -11.34
C VAL B 146 8.01 11.85 -11.64
N GLN B 147 8.22 11.06 -10.59
CA GLN B 147 8.72 9.70 -10.74
C GLN B 147 7.58 8.70 -10.68
N ARG B 148 7.87 7.45 -11.04
CA ARG B 148 6.86 6.41 -11.02
C ARG B 148 6.44 6.07 -9.61
N ASP B 149 5.19 5.65 -9.43
CA ASP B 149 4.67 5.30 -8.12
C ASP B 149 5.45 4.15 -7.52
N ARG B 150 6.31 3.53 -8.34
CA ARG B 150 7.13 2.42 -7.91
C ARG B 150 8.07 2.82 -6.78
N GLN B 151 8.82 3.89 -6.98
CA GLN B 151 9.76 4.39 -5.99
C GLN B 151 9.12 4.58 -4.62
N CYS B 152 8.26 5.59 -4.51
CA CYS B 152 7.58 5.90 -3.25
C CYS B 152 6.86 4.69 -2.65
N LEU B 153 6.67 3.65 -3.45
CA LEU B 153 5.99 2.45 -2.98
C LEU B 153 6.96 1.57 -2.19
N ARG B 154 8.25 1.84 -2.34
CA ARG B 154 9.29 1.10 -1.64
C ARG B 154 10.06 2.01 -0.69
N ILE B 155 9.48 3.17 -0.41
CA ILE B 155 10.09 4.15 0.50
C ILE B 155 9.13 4.46 1.64
N PHE B 156 7.98 5.05 1.30
CA PHE B 156 6.99 5.41 2.29
C PHE B 156 6.05 4.25 2.61
N GLY B 157 5.44 4.30 3.79
CA GLY B 157 4.55 3.23 4.19
C GLY B 157 3.16 3.35 3.58
N SER B 158 2.40 4.35 4.03
CA SER B 158 1.05 4.55 3.53
C SER B 158 1.02 5.48 2.31
N TYR B 159 1.39 4.95 1.16
CA TYR B 159 1.39 5.72 -0.08
C TYR B 159 0.33 5.16 -1.03
N ASP B 160 -0.63 6.00 -1.39
CA ASP B 160 -1.71 5.61 -2.30
C ASP B 160 -1.54 6.28 -3.66
N PRO B 161 -1.19 5.51 -4.69
CA PRO B 161 -1.01 6.07 -6.04
C PRO B 161 -2.29 6.68 -6.60
N ARG B 162 -3.40 6.42 -5.93
CA ARG B 162 -4.70 6.92 -6.35
C ARG B 162 -4.96 8.35 -5.90
N ARG B 163 -4.53 8.68 -4.69
CA ARG B 163 -4.72 10.01 -4.14
C ARG B 163 -3.42 10.75 -3.89
N GLN B 164 -2.31 10.03 -3.95
CA GLN B 164 -1.00 10.63 -3.73
C GLN B 164 -0.17 10.57 -5.00
N ILE B 165 0.91 11.36 -5.04
CA ILE B 165 1.79 11.39 -6.20
C ILE B 165 3.26 11.31 -5.79
N CYS B 166 4.03 10.53 -6.54
CA CYS B 166 5.46 10.36 -6.27
C CYS B 166 6.28 11.33 -7.11
N VAL B 167 6.74 12.41 -6.49
CA VAL B 167 7.52 13.43 -7.18
C VAL B 167 8.92 13.56 -6.60
N GLY B 168 9.81 14.21 -7.36
CA GLY B 168 11.18 14.40 -6.90
C GLY B 168 12.14 13.31 -7.34
N ASP B 169 13.31 13.71 -7.83
CA ASP B 169 14.32 12.77 -8.29
C ASP B 169 15.43 12.67 -7.25
N ARG B 170 15.58 11.48 -6.68
CA ARG B 170 16.61 11.22 -5.66
C ARG B 170 17.99 11.69 -6.10
N ARG B 171 18.29 11.50 -7.38
CA ARG B 171 19.59 11.89 -7.94
C ARG B 171 19.85 13.37 -7.84
N GLU B 172 18.83 14.13 -7.42
CA GLU B 172 18.97 15.58 -7.29
C GLU B 172 18.62 16.05 -5.88
N ARG B 173 19.53 16.82 -5.29
CA ARG B 173 19.35 17.35 -3.95
C ARG B 173 18.42 18.57 -3.98
N LYS B 174 17.29 18.44 -4.67
CA LYS B 174 16.34 19.53 -4.77
C LYS B 174 14.91 19.00 -4.66
N ALA B 175 14.11 19.64 -3.81
CA ALA B 175 12.72 19.23 -3.61
C ALA B 175 12.07 20.08 -2.54
N ALA B 176 10.75 19.94 -2.39
CA ALA B 176 10.01 20.70 -1.38
C ALA B 176 10.47 20.23 -0.01
N PHE B 177 10.32 21.07 1.00
CA PHE B 177 10.74 20.72 2.35
C PHE B 177 9.87 21.37 3.44
N LYS B 178 10.45 21.51 4.62
CA LYS B 178 9.77 22.13 5.76
C LYS B 178 9.34 23.56 5.41
N GLY B 179 8.04 23.82 5.49
CA GLY B 179 7.55 25.14 5.19
C GLY B 179 6.85 25.22 3.84
N ASP B 180 7.01 24.17 3.04
CA ASP B 180 6.41 24.12 1.71
C ASP B 180 5.05 23.42 1.75
N SER B 181 4.79 22.72 2.83
CA SER B 181 3.52 22.00 2.99
C SER B 181 2.33 22.85 2.61
N GLY B 182 1.65 22.48 1.53
CA GLY B 182 0.50 23.23 1.06
C GLY B 182 0.72 23.80 -0.32
N GLY B 183 1.99 24.07 -0.64
CA GLY B 183 2.33 24.61 -1.94
C GLY B 183 1.89 23.68 -3.05
N PRO B 184 1.37 24.24 -4.16
CA PRO B 184 0.91 23.43 -5.29
C PRO B 184 2.02 23.03 -6.26
N LEU B 185 1.91 21.83 -6.83
CA LEU B 185 2.87 21.35 -7.80
C LEU B 185 2.22 21.52 -9.16
N LEU B 186 2.54 22.62 -9.83
CA LEU B 186 1.98 22.92 -11.14
C LEU B 186 2.70 22.24 -12.29
N CYS B 187 1.93 21.49 -13.08
CA CYS B 187 2.46 20.79 -14.24
C CYS B 187 1.59 21.18 -15.43
N ASN B 188 2.20 21.83 -16.42
CA ASN B 188 1.49 22.29 -17.59
C ASN B 188 0.59 23.46 -17.19
N ASN B 189 1.14 24.33 -16.34
CA ASN B 189 0.42 25.50 -15.83
C ASN B 189 -0.87 25.09 -15.13
N VAL B 190 -0.86 23.92 -14.50
CA VAL B 190 -2.03 23.41 -13.80
C VAL B 190 -1.66 22.80 -12.44
N ALA B 191 -2.14 23.42 -11.37
CA ALA B 191 -1.87 22.93 -10.02
C ALA B 191 -2.33 21.49 -9.91
N HIS B 192 -1.39 20.56 -10.05
CA HIS B 192 -1.70 19.14 -9.99
C HIS B 192 -1.57 18.52 -8.60
N GLY B 193 -0.54 18.94 -7.85
CA GLY B 193 -0.34 18.38 -6.53
C GLY B 193 -0.16 19.37 -5.39
N ILE B 194 -0.16 18.84 -4.17
CA ILE B 194 0.01 19.64 -2.97
C ILE B 194 1.05 18.98 -2.06
N VAL B 195 2.08 19.73 -1.70
CA VAL B 195 3.13 19.20 -0.84
C VAL B 195 2.54 18.63 0.45
N SER B 196 2.59 17.31 0.58
CA SER B 196 2.07 16.63 1.75
C SER B 196 3.19 16.38 2.76
N TYR B 197 3.93 15.30 2.55
CA TYR B 197 5.03 14.94 3.43
C TYR B 197 6.20 14.35 2.65
N GLY B 198 7.22 13.90 3.37
CA GLY B 198 8.38 13.29 2.74
C GLY B 198 9.43 12.92 3.76
N LYS B 199 10.60 12.47 3.30
CA LYS B 199 11.67 12.09 4.20
C LYS B 199 12.13 13.33 4.98
N SER B 200 12.09 13.24 6.30
CA SER B 200 12.49 14.37 7.14
C SER B 200 13.92 14.82 6.85
N SER B 201 14.58 14.13 5.93
CA SER B 201 15.94 14.45 5.54
C SER B 201 15.94 15.45 4.39
N GLY B 202 14.76 15.62 3.78
CA GLY B 202 14.63 16.54 2.66
C GLY B 202 15.04 15.90 1.35
N VAL B 203 15.51 14.66 1.44
CA VAL B 203 15.94 13.93 0.26
C VAL B 203 14.75 13.28 -0.46
N PRO B 204 14.56 13.62 -1.75
CA PRO B 204 13.46 13.07 -2.55
C PRO B 204 13.71 11.60 -2.90
N PRO B 205 12.70 10.92 -3.47
CA PRO B 205 11.36 11.43 -3.82
C PRO B 205 10.55 11.88 -2.61
N GLU B 206 9.43 12.53 -2.88
CA GLU B 206 8.55 13.02 -1.82
C GLU B 206 7.09 12.77 -2.20
N VAL B 207 6.21 12.83 -1.21
CA VAL B 207 4.80 12.59 -1.43
C VAL B 207 4.03 13.90 -1.69
N PHE B 208 3.18 13.87 -2.70
CA PHE B 208 2.38 15.03 -3.07
C PHE B 208 0.91 14.60 -3.13
N THR B 209 0.01 15.51 -2.80
CA THR B 209 -1.41 15.21 -2.81
C THR B 209 -1.98 15.33 -4.23
N ARG B 210 -2.68 14.30 -4.68
CA ARG B 210 -3.28 14.28 -6.01
C ARG B 210 -4.62 15.02 -6.02
N VAL B 211 -4.58 16.29 -6.40
CA VAL B 211 -5.78 17.13 -6.46
C VAL B 211 -6.82 16.58 -7.42
N SER B 212 -6.37 16.13 -8.59
CA SER B 212 -7.25 15.59 -9.61
C SER B 212 -8.20 14.52 -9.09
N SER B 213 -7.91 13.97 -7.91
CA SER B 213 -8.75 12.93 -7.33
C SER B 213 -9.75 13.50 -6.33
N PHE B 214 -9.43 14.66 -5.76
CA PHE B 214 -10.31 15.29 -4.78
C PHE B 214 -11.12 16.41 -5.41
N LEU B 215 -11.45 16.26 -6.68
CA LEU B 215 -12.22 17.26 -7.40
C LEU B 215 -13.67 17.31 -6.92
N PRO B 216 -14.36 16.15 -6.91
CA PRO B 216 -15.76 16.13 -6.45
C PRO B 216 -15.93 16.90 -5.14
N TRP B 217 -15.11 16.54 -4.16
CA TRP B 217 -15.16 17.19 -2.85
C TRP B 217 -14.85 18.67 -3.03
N ILE B 218 -13.75 18.96 -3.73
CA ILE B 218 -13.33 20.33 -3.97
C ILE B 218 -14.51 21.18 -4.43
N ARG B 219 -15.18 20.74 -5.49
CA ARG B 219 -16.33 21.45 -6.04
C ARG B 219 -17.48 21.52 -5.05
N THR B 220 -17.87 20.36 -4.51
CA THR B 220 -18.96 20.27 -3.55
C THR B 220 -18.75 21.22 -2.37
N THR B 221 -17.52 21.29 -1.87
CA THR B 221 -17.20 22.14 -0.74
C THR B 221 -17.28 23.62 -1.08
N MET B 222 -16.71 23.99 -2.23
CA MET B 222 -16.72 25.39 -2.66
C MET B 222 -18.12 25.85 -3.06
N ARG B 223 -18.87 24.98 -3.75
CA ARG B 223 -20.22 25.33 -4.18
C ARG B 223 -21.25 25.14 -3.09
N SER B 224 -22.49 24.81 -3.48
CA SER B 224 -23.57 24.60 -2.52
C SER B 224 -24.59 23.61 -3.08
N PHE B 225 -24.51 22.36 -2.66
CA PHE B 225 -25.43 21.35 -3.14
C PHE B 225 -25.89 20.40 -2.05
P1 KTP C . 2.85 -25.32 11.11
O1 KTP C . 3.64 -24.72 10.02
O2 KTP C . 5.09 -28.34 12.65
C1 KTP C . 3.15 -27.18 11.41
C2 KTP C . 4.71 -27.99 11.59
O3 KTP C . 3.21 -24.42 12.40
O4 KTP C . 1.31 -25.05 10.72
C3 KTP C . 5.83 -28.39 10.60
C4 KTP C . 5.67 -28.10 9.24
C5 KTP C . 6.64 -28.45 8.29
C6 KTP C . 6.45 -28.15 6.92
C7 KTP C . 7.44 -28.50 5.98
C8 KTP C . 8.64 -29.17 6.40
C9 KTP C . 8.84 -29.48 7.78
C10 KTP C . 7.87 -29.13 8.73
C11 KTP C . 8.05 -29.43 10.07
C12 KTP C . 7.05 -29.07 11.01
C13 KTP C . 2.12 -26.77 13.77
C14 KTP C . 2.17 -27.53 12.58
C15 KTP C . 1.27 -28.70 12.47
C16 KTP C . 1.26 -29.54 11.32
C17 KTP C . 0.38 -30.65 11.24
C18 KTP C . -0.51 -30.95 12.32
C19 KTP C . -0.52 -30.12 13.50
C20 KTP C . 0.35 -29.01 13.58
C21 KTP C . 0.35 -28.20 14.74
C22 KTP C . 1.22 -27.09 14.83
P1 KTP D . 6.61 21.89 7.34
O1 KTP D . 5.87 23.12 7.63
O2 KTP D . 5.65 19.72 10.59
C1 KTP D . 6.84 20.34 8.43
C2 KTP D . 5.65 19.48 9.44
O3 KTP D . 6.74 21.73 5.73
O4 KTP D . 5.10 21.37 7.19
C3 KTP D . 4.53 18.42 9.31
C4 KTP D . 4.18 17.84 8.07
C5 KTP D . 3.15 16.88 7.97
C6 KTP D . 2.81 16.31 6.73
C7 KTP D . 1.77 15.36 6.65
C8 KTP D . 1.06 14.97 7.83
C9 KTP D . 1.38 15.54 9.09
C10 KTP D . 2.41 16.47 9.18
C11 KTP D . 2.73 17.04 10.41
C12 KTP D . 3.77 17.99 10.47
C13 KTP D . 8.97 18.95 8.23
C14 KTP D . 7.76 19.33 7.60
C15 KTP D . 7.50 18.73 6.23
C16 KTP D . 6.34 19.00 5.47
C17 KTP D . 6.15 18.42 4.18
C18 KTP D . 7.14 17.54 3.64
C19 KTP D . 8.31 17.23 4.38
C20 KTP D . 8.51 17.81 5.66
C21 KTP D . 9.68 17.51 6.37
C22 KTP D . 9.91 18.07 7.65
#